data_7R5A
#
_entry.id   7R5A
#
_cell.length_a   65.780
_cell.length_b   65.780
_cell.length_c   127.440
_cell.angle_alpha   90.000
_cell.angle_beta   90.000
_cell.angle_gamma   90.000
#
_symmetry.space_group_name_H-M   'P 43 21 2'
#
loop_
_entity.id
_entity.type
_entity.pdbx_description
1 polymer Toxin
2 polymer 'Antitoxin ParD'
#
loop_
_entity_poly.entity_id
_entity_poly.type
_entity_poly.pdbx_seq_one_letter_code
_entity_poly.pdbx_strand_id
1 'polypeptide(L)'
;MKPFNLTVAAKADLRDIALFTQRRWGKEQRNVYLKQFDDSFWLLAENPDIGKSCDEIREGYRKFPQGSHVIFYQQTGSQQ
IRVIRILHKSMDVNPIFGAHHHHHH
;
A
2 'polypeptide(L)' MAKNTSITLGEHFDGFITSQIQSGRYGSASEVIRSALRLLENQETKLQSLRQLLIEGEQSGDADYDLDSFINELDSENIR B,C,D
#
# COMPACT_ATOMS: atom_id res chain seq x y z
N LYS A 2 23.39 -0.55 -21.75
CA LYS A 2 22.90 -0.47 -23.12
C LYS A 2 21.55 -1.17 -23.33
N PRO A 3 21.38 -2.41 -22.86
CA PRO A 3 20.07 -3.06 -22.99
C PRO A 3 19.05 -2.59 -21.98
N PHE A 4 19.44 -1.77 -21.01
CA PHE A 4 18.51 -1.23 -20.04
C PHE A 4 18.97 0.17 -19.67
N ASN A 5 18.02 1.03 -19.32
CA ASN A 5 18.34 2.40 -18.95
C ASN A 5 17.33 2.87 -17.91
N LEU A 6 17.82 3.62 -16.92
CA LEU A 6 17.00 4.13 -15.84
C LEU A 6 16.66 5.59 -16.07
N THR A 7 15.61 6.04 -15.39
CA THR A 7 15.22 7.44 -15.44
C THR A 7 15.91 8.22 -14.31
N VAL A 8 15.75 9.54 -14.35
CA VAL A 8 16.31 10.37 -13.29
C VAL A 8 15.67 10.03 -11.96
N ALA A 9 14.37 9.76 -11.96
CA ALA A 9 13.70 9.36 -10.73
C ALA A 9 14.18 8.00 -10.25
N ALA A 10 14.37 7.06 -11.19
CA ALA A 10 14.85 5.73 -10.80
C ALA A 10 16.27 5.81 -10.26
N LYS A 11 17.13 6.63 -10.87
CA LYS A 11 18.48 6.80 -10.37
C LYS A 11 18.48 7.49 -9.00
N ALA A 12 17.57 8.44 -8.79
CA ALA A 12 17.46 9.07 -7.48
C ALA A 12 16.99 8.06 -6.43
N ASP A 13 16.07 7.18 -6.79
CA ASP A 13 15.61 6.14 -5.86
C ASP A 13 16.76 5.20 -5.51
N LEU A 14 17.53 4.79 -6.53
CA LEU A 14 18.67 3.91 -6.28
C LEU A 14 19.70 4.60 -5.39
N ARG A 15 19.92 5.89 -5.61
CA ARG A 15 20.86 6.64 -4.76
C ARG A 15 20.36 6.72 -3.32
N ASP A 16 19.05 6.95 -3.15
CA ASP A 16 18.47 6.96 -1.81
C ASP A 16 18.69 5.63 -1.10
N ILE A 17 18.40 4.52 -1.79
CA ILE A 17 18.55 3.21 -1.17
C ILE A 17 20.02 2.94 -0.85
N ALA A 18 20.92 3.33 -1.76
CA ALA A 18 22.35 3.11 -1.52
C ALA A 18 22.83 3.88 -0.31
N LEU A 19 22.46 5.16 -0.21
CA LEU A 19 22.86 5.97 0.93
C LEU A 19 22.26 5.43 2.23
N PHE A 20 21.03 4.94 2.18
CA PHE A 20 20.39 4.39 3.37
C PHE A 20 21.14 3.15 3.85
N THR A 21 21.36 2.19 2.95
CA THR A 21 22.08 0.97 3.34
C THR A 21 23.52 1.23 3.70
N GLN A 22 24.12 2.32 3.19
CA GLN A 22 25.48 2.67 3.59
C GLN A 22 25.52 3.28 4.98
N ARG A 23 24.58 4.18 5.28
CA ARG A 23 24.53 4.79 6.61
C ARG A 23 24.11 3.77 7.67
N ARG A 24 23.39 2.73 7.29
CA ARG A 24 22.96 1.74 8.27
C ARG A 24 23.97 0.61 8.43
N TRP A 25 24.45 0.05 7.32
CA TRP A 25 25.32 -1.13 7.35
C TRP A 25 26.77 -0.78 7.06
N GLY A 26 27.07 -0.26 5.88
CA GLY A 26 28.43 0.09 5.54
C GLY A 26 28.57 0.34 4.06
N LYS A 27 29.82 0.64 3.66
CA LYS A 27 30.12 0.95 2.28
C LYS A 27 30.19 -0.30 1.41
N GLU A 28 30.88 -1.34 1.90
CA GLU A 28 30.96 -2.59 1.15
C GLU A 28 29.60 -3.26 1.04
N GLN A 29 28.78 -3.08 2.07
CA GLN A 29 27.40 -3.60 2.00
C GLN A 29 26.74 -2.88 0.84
N ARG A 30 26.80 -1.56 0.82
CA ARG A 30 26.17 -0.78 -0.24
C ARG A 30 26.64 -1.23 -1.62
N ASN A 31 27.94 -1.53 -1.74
CA ASN A 31 28.46 -2.00 -3.03
C ASN A 31 27.87 -3.35 -3.41
N VAL A 32 27.77 -4.27 -2.45
CA VAL A 32 27.16 -5.58 -2.73
C VAL A 32 25.70 -5.40 -3.13
N TYR A 33 24.99 -4.51 -2.44
CA TYR A 33 23.58 -4.28 -2.74
C TYR A 33 23.40 -3.69 -4.14
N LEU A 34 24.25 -2.73 -4.51
CA LEU A 34 24.16 -2.13 -5.83
C LEU A 34 24.58 -3.11 -6.92
N LYS A 35 25.51 -4.01 -6.63
CA LYS A 35 25.85 -5.06 -7.59
C LYS A 35 24.69 -6.01 -7.80
N GLN A 36 23.97 -6.35 -6.72
CA GLN A 36 22.77 -7.15 -6.85
C GLN A 36 21.65 -6.58 -7.74
N PHE A 37 21.37 -5.28 -7.59
CA PHE A 37 20.36 -4.66 -8.45
C PHE A 37 20.84 -4.43 -9.91
N ASP A 38 22.15 -4.30 -10.07
CA ASP A 38 22.72 -4.18 -11.41
C ASP A 38 22.52 -5.54 -12.06
N ASP A 39 22.75 -6.62 -11.30
CA ASP A 39 22.48 -7.95 -11.81
C ASP A 39 21.00 -8.15 -12.11
N SER A 40 20.13 -7.62 -11.24
CA SER A 40 18.70 -7.70 -11.50
C SER A 40 18.32 -6.88 -12.73
N PHE A 41 18.97 -5.74 -12.93
CA PHE A 41 18.73 -4.95 -14.14
C PHE A 41 19.09 -5.75 -15.39
N TRP A 42 20.29 -6.35 -15.38
CA TRP A 42 20.71 -7.16 -16.53
C TRP A 42 19.78 -8.35 -16.74
N LEU A 43 19.27 -8.93 -15.64
CA LEU A 43 18.36 -10.06 -15.76
C LEU A 43 17.02 -9.64 -16.38
N LEU A 44 16.48 -8.51 -15.93
CA LEU A 44 15.24 -8.00 -16.50
C LEU A 44 15.42 -7.59 -17.96
N ALA A 45 16.62 -7.12 -18.33
CA ALA A 45 16.88 -6.81 -19.73
C ALA A 45 16.99 -8.10 -20.55
N GLU A 46 17.73 -9.06 -20.05
CA GLU A 46 17.96 -10.29 -20.86
C GLU A 46 16.71 -11.16 -20.84
N ASN A 47 15.77 -10.86 -19.95
CA ASN A 47 14.55 -11.69 -19.83
C ASN A 47 13.42 -10.81 -19.34
N PRO A 48 12.81 -9.94 -20.18
CA PRO A 48 11.74 -9.06 -19.73
C PRO A 48 10.38 -9.68 -19.39
N ASP A 49 10.19 -10.97 -19.59
CA ASP A 49 8.88 -11.61 -19.29
C ASP A 49 8.92 -12.23 -17.89
N ILE A 50 9.97 -11.94 -17.12
CA ILE A 50 10.16 -12.52 -15.75
C ILE A 50 9.42 -11.67 -14.72
N GLY A 51 9.06 -10.45 -15.07
CA GLY A 51 8.36 -9.59 -14.11
C GLY A 51 6.87 -9.72 -14.27
N LYS A 52 6.15 -9.95 -13.18
CA LYS A 52 4.70 -10.09 -13.31
C LYS A 52 4.11 -8.82 -13.90
N SER A 53 3.26 -9.00 -14.92
CA SER A 53 2.58 -7.86 -15.59
C SER A 53 1.68 -7.14 -14.60
N CYS A 54 1.55 -5.82 -14.73
CA CYS A 54 0.66 -5.06 -13.83
C CYS A 54 -0.01 -3.94 -14.62
N ASP A 55 -0.73 -4.29 -15.68
CA ASP A 55 -1.47 -3.31 -16.54
C ASP A 55 -2.56 -2.62 -15.73
N GLU A 56 -3.15 -3.31 -14.76
CA GLU A 56 -4.15 -2.73 -13.84
C GLU A 56 -3.61 -1.42 -13.30
N ILE A 57 -2.41 -1.45 -12.72
CA ILE A 57 -1.80 -0.22 -12.15
C ILE A 57 -1.58 0.80 -13.28
N ARG A 58 -0.82 0.43 -14.31
CA ARG A 58 -0.55 1.34 -15.45
C ARG A 58 -0.37 0.46 -16.68
N GLU A 59 -0.89 0.90 -17.82
CA GLU A 59 -0.82 0.03 -19.03
C GLU A 59 0.60 -0.13 -19.54
N GLY A 60 1.10 -1.37 -19.54
CA GLY A 60 2.41 -1.68 -20.14
C GLY A 60 3.49 -1.96 -19.10
N TYR A 61 3.26 -1.61 -17.84
CA TYR A 61 4.31 -1.79 -16.82
C TYR A 61 4.36 -3.21 -16.29
N ARG A 62 5.53 -3.60 -15.79
CA ARG A 62 5.79 -4.92 -15.15
C ARG A 62 6.57 -4.62 -13.86
N LYS A 63 6.38 -5.43 -12.84
CA LYS A 63 7.04 -5.22 -11.57
C LYS A 63 7.83 -6.46 -11.16
N PHE A 64 8.96 -6.22 -10.49
CA PHE A 64 9.85 -7.33 -10.02
C PHE A 64 10.29 -7.05 -8.58
N PRO A 65 10.15 -8.01 -7.65
CA PRO A 65 10.56 -7.82 -6.25
C PRO A 65 12.09 -7.84 -6.11
N GLN A 66 12.62 -7.04 -5.17
CA GLN A 66 14.09 -6.98 -4.94
C GLN A 66 14.35 -6.54 -3.50
N GLY A 67 14.28 -7.48 -2.56
CA GLY A 67 14.51 -7.19 -1.12
C GLY A 67 13.32 -6.50 -0.48
N SER A 68 13.46 -5.20 -0.18
CA SER A 68 12.36 -4.42 0.45
C SER A 68 11.78 -3.42 -0.55
N HIS A 69 12.32 -3.41 -1.78
CA HIS A 69 11.84 -2.49 -2.85
C HIS A 69 11.26 -3.30 -4.00
N VAL A 70 10.62 -2.61 -4.96
CA VAL A 70 10.00 -3.29 -6.14
C VAL A 70 10.30 -2.47 -7.40
N ILE A 71 11.05 -3.05 -8.34
CA ILE A 71 11.41 -2.36 -9.58
C ILE A 71 10.20 -2.36 -10.50
N PHE A 72 9.84 -1.18 -11.01
CA PHE A 72 8.83 -1.03 -12.03
C PHE A 72 9.51 -0.70 -13.35
N TYR A 73 9.19 -1.46 -14.39
CA TYR A 73 9.87 -1.30 -15.67
C TYR A 73 8.89 -1.58 -16.80
N GLN A 74 9.13 -0.91 -17.93
CA GLN A 74 8.33 -1.13 -19.13
C GLN A 74 9.20 -1.71 -20.22
N GLN A 75 8.68 -2.71 -20.92
CA GLN A 75 9.42 -3.38 -21.97
C GLN A 75 9.44 -2.52 -23.22
N THR A 76 10.63 -2.12 -23.65
CA THR A 76 10.81 -1.28 -24.84
C THR A 76 11.50 -2.02 -25.98
N GLY A 77 11.49 -3.35 -25.94
CA GLY A 77 12.13 -4.14 -26.97
C GLY A 77 12.09 -5.61 -26.61
N SER A 78 12.53 -6.43 -27.58
CA SER A 78 12.53 -7.87 -27.35
C SER A 78 13.39 -8.24 -26.16
N GLN A 79 14.53 -7.59 -26.01
CA GLN A 79 15.41 -7.76 -24.84
C GLN A 79 15.88 -6.42 -24.32
N GLN A 80 15.01 -5.42 -24.36
CA GLN A 80 15.32 -4.08 -23.88
C GLN A 80 14.19 -3.60 -22.98
N ILE A 81 14.55 -3.08 -21.81
CA ILE A 81 13.57 -2.61 -20.83
C ILE A 81 14.01 -1.25 -20.30
N ARG A 82 13.05 -0.52 -19.74
CA ARG A 82 13.29 0.79 -19.17
C ARG A 82 12.80 0.78 -17.72
N VAL A 83 13.71 0.98 -16.78
CA VAL A 83 13.39 1.01 -15.36
C VAL A 83 12.95 2.41 -14.99
N ILE A 84 11.73 2.54 -14.48
CA ILE A 84 11.13 3.84 -14.22
C ILE A 84 11.15 4.20 -12.74
N ARG A 85 10.89 3.24 -11.86
CA ARG A 85 10.81 3.51 -10.43
C ARG A 85 11.33 2.32 -9.65
N ILE A 86 11.94 2.60 -8.50
CA ILE A 86 12.41 1.54 -7.57
C ILE A 86 11.88 1.94 -6.20
N LEU A 87 10.61 1.64 -5.95
CA LEU A 87 9.95 2.06 -4.67
C LEU A 87 10.14 1.02 -3.61
N HIS A 88 9.50 1.23 -2.44
CA HIS A 88 9.50 0.23 -1.33
C HIS A 88 8.23 -0.59 -1.44
N LYS A 89 7.84 -1.18 -0.28
CA LYS A 89 6.58 -1.98 -0.15
C LYS A 89 5.58 -0.84 0.22
N SER A 90 5.09 -0.10 -0.79
CA SER A 90 3.96 0.85 -0.75
C SER A 90 2.96 0.50 -1.84
N MET A 91 3.11 -0.69 -2.38
CA MET A 91 2.53 -1.22 -3.63
C MET A 91 1.29 -2.03 -3.28
N ASP A 92 0.49 -2.37 -4.29
CA ASP A 92 -0.76 -3.16 -4.07
C ASP A 92 -0.93 -4.15 -5.24
N VAL A 93 -1.47 -5.34 -4.95
CA VAL A 93 -1.69 -6.38 -6.00
C VAL A 93 -2.91 -5.98 -6.84
N ASN A 94 -4.08 -5.86 -6.20
CA ASN A 94 -5.34 -5.48 -6.90
C ASN A 94 -5.83 -6.39 -8.03
N PRO A 95 -5.73 -7.73 -7.91
CA PRO A 95 -5.93 -8.66 -9.02
C PRO A 95 -7.35 -8.57 -9.59
N SER B 6 -31.73 -0.83 -0.35
CA SER B 6 -30.72 -1.52 0.45
C SER B 6 -29.73 -2.26 -0.45
N ILE B 7 -28.96 -3.17 0.15
CA ILE B 7 -27.94 -3.98 -0.59
C ILE B 7 -28.04 -5.45 -0.20
N THR B 8 -27.30 -6.31 -0.91
CA THR B 8 -27.31 -7.77 -0.66
C THR B 8 -25.88 -8.30 -0.77
N LEU B 9 -25.30 -8.82 0.31
CA LEU B 9 -23.87 -9.27 0.23
C LEU B 9 -23.75 -10.79 0.19
N GLY B 10 -24.55 -11.51 0.96
CA GLY B 10 -24.44 -12.98 0.92
C GLY B 10 -24.35 -13.55 2.31
N GLU B 11 -24.34 -14.88 2.44
CA GLU B 11 -24.29 -15.49 3.80
C GLU B 11 -22.88 -15.37 4.37
N HIS B 12 -21.87 -15.30 3.49
CA HIS B 12 -20.47 -15.19 3.93
C HIS B 12 -20.24 -13.88 4.70
N PHE B 13 -20.53 -12.77 4.04
CA PHE B 13 -20.29 -11.43 4.64
C PHE B 13 -21.31 -11.11 5.72
N ASP B 14 -22.56 -11.50 5.53
CA ASP B 14 -23.56 -11.23 6.60
C ASP B 14 -23.10 -11.97 7.86
N GLY B 15 -22.72 -13.23 7.70
CA GLY B 15 -22.20 -14.00 8.84
C GLY B 15 -21.00 -13.29 9.42
N PHE B 16 -20.07 -12.89 8.57
CA PHE B 16 -18.86 -12.17 9.01
C PHE B 16 -19.25 -10.97 9.88
N ILE B 17 -20.06 -10.08 9.34
CA ILE B 17 -20.46 -8.85 10.03
C ILE B 17 -21.02 -9.18 11.41
N THR B 18 -21.85 -10.23 11.48
CA THR B 18 -22.40 -10.61 12.79
C THR B 18 -21.30 -11.05 13.75
N SER B 19 -20.33 -11.83 13.26
CA SER B 19 -19.25 -12.29 14.13
C SER B 19 -18.34 -11.15 14.54
N GLN B 20 -18.19 -10.13 13.69
CA GLN B 20 -17.38 -8.98 14.06
C GLN B 20 -18.10 -8.11 15.08
N ILE B 21 -19.43 -8.01 14.97
CA ILE B 21 -20.19 -7.27 15.97
C ILE B 21 -20.18 -8.00 17.31
N GLN B 22 -20.29 -9.33 17.28
CA GLN B 22 -20.31 -10.11 18.52
C GLN B 22 -18.98 -10.06 19.24
N SER B 23 -17.88 -9.84 18.51
CA SER B 23 -16.55 -9.81 19.12
C SER B 23 -16.34 -8.59 20.02
N GLY B 24 -17.24 -7.60 19.97
CA GLY B 24 -17.07 -6.40 20.74
C GLY B 24 -16.11 -5.39 20.15
N ARG B 25 -15.51 -5.69 18.99
CA ARG B 25 -14.59 -4.75 18.35
C ARG B 25 -15.33 -3.71 17.54
N TYR B 26 -16.54 -4.03 17.07
CA TYR B 26 -17.34 -3.11 16.27
C TYR B 26 -18.73 -3.04 16.87
N GLY B 27 -19.19 -1.83 17.18
CA GLY B 27 -20.50 -1.65 17.78
C GLY B 27 -21.64 -1.93 16.81
N SER B 28 -21.68 -1.19 15.71
CA SER B 28 -22.74 -1.31 14.72
C SER B 28 -22.25 -2.01 13.46
N ALA B 29 -23.19 -2.57 12.71
CA ALA B 29 -22.85 -3.06 11.38
C ALA B 29 -22.44 -1.93 10.46
N SER B 30 -23.06 -0.75 10.61
CA SER B 30 -22.58 0.42 9.91
C SER B 30 -21.12 0.69 10.24
N GLU B 31 -20.72 0.45 11.49
CA GLU B 31 -19.34 0.72 11.89
C GLU B 31 -18.36 -0.20 11.18
N VAL B 32 -18.67 -1.51 11.11
CA VAL B 32 -17.75 -2.43 10.46
C VAL B 32 -17.72 -2.21 8.96
N ILE B 33 -18.86 -1.87 8.36
CA ILE B 33 -18.88 -1.55 6.94
C ILE B 33 -18.09 -0.27 6.67
N ARG B 34 -18.16 0.70 7.59
CA ARG B 34 -17.39 1.92 7.44
C ARG B 34 -15.89 1.66 7.56
N SER B 35 -15.50 0.74 8.46
CA SER B 35 -14.08 0.38 8.56
C SER B 35 -13.60 -0.27 7.26
N ALA B 36 -14.41 -1.18 6.71
CA ALA B 36 -14.06 -1.79 5.42
C ALA B 36 -13.95 -0.73 4.33
N LEU B 37 -14.88 0.23 4.30
CA LEU B 37 -14.84 1.28 3.29
C LEU B 37 -13.62 2.18 3.47
N ARG B 38 -13.23 2.44 4.72
CA ARG B 38 -11.99 3.18 4.97
C ARG B 38 -10.79 2.44 4.42
N LEU B 39 -10.74 1.11 4.62
CA LEU B 39 -9.65 0.33 4.05
C LEU B 39 -9.62 0.44 2.53
N LEU B 40 -10.79 0.31 1.89
CA LEU B 40 -10.83 0.37 0.43
C LEU B 40 -10.43 1.75 -0.09
N GLU B 41 -10.87 2.82 0.59
CA GLU B 41 -10.50 4.16 0.18
C GLU B 41 -9.00 4.41 0.35
N ASN B 42 -8.42 3.92 1.45
CA ASN B 42 -6.98 4.06 1.65
C ASN B 42 -6.21 3.31 0.56
N GLN B 43 -6.68 2.12 0.18
CA GLN B 43 -6.00 1.39 -0.89
C GLN B 43 -6.14 2.11 -2.23
N GLU B 44 -7.29 2.75 -2.48
CA GLU B 44 -7.45 3.51 -3.72
C GLU B 44 -6.51 4.71 -3.76
N THR B 45 -6.38 5.43 -2.64
CA THR B 45 -5.43 6.54 -2.59
C THR B 45 -4.00 6.05 -2.77
N LYS B 46 -3.69 4.89 -2.19
CA LYS B 46 -2.36 4.29 -2.37
C LYS B 46 -2.11 3.96 -3.84
N LEU B 47 -3.12 3.42 -4.52
CA LEU B 47 -3.01 3.10 -5.93
C LEU B 47 -2.76 4.35 -6.76
N GLN B 48 -3.52 5.41 -6.50
CA GLN B 48 -3.33 6.65 -7.24
C GLN B 48 -1.97 7.27 -6.94
N SER B 49 -1.47 7.12 -5.72
CA SER B 49 -0.14 7.63 -5.39
C SER B 49 0.94 6.87 -6.14
N LEU B 50 0.82 5.54 -6.20
CA LEU B 50 1.76 4.75 -6.98
C LEU B 50 1.70 5.14 -8.46
N ARG B 51 0.49 5.40 -8.97
CA ARG B 51 0.36 5.81 -10.36
C ARG B 51 1.03 7.15 -10.62
N GLN B 52 0.86 8.12 -9.71
CA GLN B 52 1.51 9.41 -9.92
C GLN B 52 3.02 9.31 -9.77
N LEU B 53 3.50 8.39 -8.91
CA LEU B 53 4.94 8.16 -8.83
C LEU B 53 5.48 7.63 -10.15
N LEU B 54 4.77 6.66 -10.74
CA LEU B 54 5.20 6.14 -12.04
C LEU B 54 5.15 7.21 -13.13
N ILE B 55 4.12 8.07 -13.08
CA ILE B 55 4.01 9.15 -14.06
C ILE B 55 5.19 10.10 -13.95
N GLU B 56 5.44 10.62 -12.74
CA GLU B 56 6.54 11.54 -12.51
C GLU B 56 7.90 10.89 -12.76
N GLY B 57 7.99 9.56 -12.68
CA GLY B 57 9.23 8.89 -13.01
C GLY B 57 9.43 8.73 -14.50
N GLU B 58 8.34 8.47 -15.24
CA GLU B 58 8.46 8.21 -16.67
C GLU B 58 8.57 9.49 -17.48
N GLN B 59 7.95 10.58 -17.04
CA GLN B 59 8.07 11.85 -17.76
C GLN B 59 9.29 12.64 -17.33
N SER B 60 10.18 12.06 -16.53
CA SER B 60 11.49 12.64 -16.26
C SER B 60 12.49 12.14 -17.30
N GLY B 61 13.72 12.63 -17.24
CA GLY B 61 14.65 12.24 -18.29
C GLY B 61 15.30 10.88 -18.06
N ASP B 62 15.81 10.29 -19.12
CA ASP B 62 16.59 9.02 -19.03
C ASP B 62 17.88 9.44 -18.34
N ALA B 63 18.39 8.67 -17.38
CA ALA B 63 19.63 9.11 -16.72
C ALA B 63 20.79 8.23 -17.16
N ASP B 64 21.98 8.80 -17.31
CA ASP B 64 23.13 8.01 -17.70
C ASP B 64 23.57 7.15 -16.53
N TYR B 65 23.38 5.85 -16.63
CA TYR B 65 23.64 4.93 -15.53
C TYR B 65 24.68 3.90 -15.93
N ASP B 66 25.68 3.73 -15.06
CA ASP B 66 26.59 2.59 -15.09
C ASP B 66 26.93 2.26 -13.65
N LEU B 67 27.04 0.96 -13.35
CA LEU B 67 27.22 0.53 -11.97
C LEU B 67 28.48 1.13 -11.34
N ASP B 68 29.62 0.93 -11.98
CA ASP B 68 30.88 1.38 -11.40
C ASP B 68 30.97 2.90 -11.39
N SER B 69 30.44 3.57 -12.41
CA SER B 69 30.40 5.04 -12.40
C SER B 69 29.50 5.56 -11.29
N PHE B 70 28.37 4.88 -11.07
CA PHE B 70 27.48 5.24 -9.98
C PHE B 70 28.17 5.08 -8.62
N ILE B 71 28.91 3.99 -8.45
CA ILE B 71 29.64 3.77 -7.21
C ILE B 71 30.73 4.81 -7.03
N ASN B 72 31.42 5.18 -8.11
CA ASN B 72 32.44 6.22 -8.02
C ASN B 72 31.84 7.56 -7.63
N GLU B 73 30.66 7.89 -8.19
CA GLU B 73 29.98 9.12 -7.81
C GLU B 73 29.60 9.10 -6.34
N LEU B 74 29.03 7.99 -5.87
CA LEU B 74 28.65 7.87 -4.47
C LEU B 74 29.86 7.97 -3.55
N ASP B 75 31.01 7.45 -3.98
CA ASP B 75 32.22 7.57 -3.17
C ASP B 75 32.74 8.99 -3.17
N SER B 76 32.60 9.69 -4.30
CA SER B 76 33.03 11.09 -4.37
C SER B 76 32.14 12.00 -3.55
N GLU B 77 30.89 11.61 -3.29
CA GLU B 77 30.02 12.42 -2.45
C GLU B 77 30.60 12.56 -1.04
N ASN B 78 30.67 11.47 -0.29
CA ASN B 78 31.24 11.52 1.05
C ASN B 78 32.74 11.73 1.00
N SER C 6 -28.40 0.31 9.56
CA SER C 6 -27.82 -0.67 8.66
C SER C 6 -27.25 -0.02 7.40
N ILE C 7 -28.09 0.73 6.69
CA ILE C 7 -27.67 1.45 5.50
C ILE C 7 -27.46 2.93 5.79
N THR C 8 -27.23 3.29 7.05
CA THR C 8 -27.09 4.69 7.45
C THR C 8 -25.61 5.09 7.41
N LEU C 9 -25.09 5.17 6.20
CA LEU C 9 -23.71 5.57 5.98
C LEU C 9 -23.61 7.09 5.89
N GLY C 10 -22.37 7.59 5.95
CA GLY C 10 -22.14 9.00 5.80
C GLY C 10 -22.15 9.45 4.36
N GLU C 11 -22.33 10.77 4.17
CA GLU C 11 -22.36 11.32 2.82
C GLU C 11 -21.03 11.08 2.09
N HIS C 12 -19.92 11.07 2.82
CA HIS C 12 -18.63 10.80 2.21
C HIS C 12 -18.59 9.40 1.60
N PHE C 13 -19.03 8.39 2.37
CA PHE C 13 -19.05 7.03 1.84
C PHE C 13 -20.12 6.85 0.78
N ASP C 14 -21.27 7.50 0.95
CA ASP C 14 -22.32 7.44 -0.07
C ASP C 14 -21.85 8.02 -1.39
N GLY C 15 -20.97 9.01 -1.35
CA GLY C 15 -20.39 9.55 -2.57
C GLY C 15 -19.27 8.69 -3.11
N PHE C 16 -18.48 8.10 -2.21
CA PHE C 16 -17.33 7.30 -2.64
C PHE C 16 -17.77 6.02 -3.33
N ILE C 17 -18.83 5.37 -2.83
CA ILE C 17 -19.30 4.14 -3.46
C ILE C 17 -19.78 4.42 -4.88
N THR C 18 -20.51 5.52 -5.07
CA THR C 18 -20.98 5.89 -6.40
C THR C 18 -19.82 6.30 -7.30
N SER C 19 -18.83 6.99 -6.74
CA SER C 19 -17.68 7.42 -7.54
C SER C 19 -16.86 6.23 -8.02
N GLN C 20 -16.77 5.17 -7.21
CA GLN C 20 -16.01 4.00 -7.62
C GLN C 20 -16.82 3.01 -8.44
N ILE C 21 -18.15 3.03 -8.36
CA ILE C 21 -18.92 2.22 -9.29
C ILE C 21 -19.01 2.91 -10.65
N GLN C 22 -18.91 4.24 -10.67
CA GLN C 22 -18.87 4.99 -11.93
C GLN C 22 -17.58 4.77 -12.71
N SER C 23 -16.63 4.02 -12.15
CA SER C 23 -15.38 3.75 -12.87
C SER C 23 -15.61 2.71 -13.97
N GLY C 24 -16.28 1.61 -13.61
CA GLY C 24 -16.58 0.52 -14.55
C GLY C 24 -15.91 -0.78 -14.14
N ARG C 25 -15.21 -0.77 -13.00
CA ARG C 25 -14.51 -1.99 -12.50
C ARG C 25 -15.45 -2.74 -11.55
N TYR C 26 -16.42 -2.03 -10.96
CA TYR C 26 -17.39 -2.65 -10.01
C TYR C 26 -18.79 -2.58 -10.60
N GLY C 27 -19.68 -3.47 -10.14
CA GLY C 27 -21.08 -3.50 -10.63
C GLY C 27 -21.92 -2.41 -9.98
N SER C 28 -22.16 -2.53 -8.67
CA SER C 28 -22.95 -1.55 -7.93
C SER C 28 -22.44 -1.52 -6.50
N ALA C 29 -23.19 -0.84 -5.63
CA ALA C 29 -22.73 -0.64 -4.26
C ALA C 29 -22.53 -1.96 -3.52
N SER C 30 -23.32 -2.98 -3.87
CA SER C 30 -23.16 -4.28 -3.23
C SER C 30 -21.75 -4.83 -3.44
N GLU C 31 -21.22 -4.71 -4.67
CA GLU C 31 -19.92 -5.28 -4.96
C GLU C 31 -18.80 -4.51 -4.28
N VAL C 32 -18.89 -3.18 -4.25
CA VAL C 32 -17.85 -2.40 -3.59
C VAL C 32 -17.87 -2.67 -2.09
N ILE C 33 -19.06 -2.79 -1.50
CA ILE C 33 -19.15 -3.04 -0.07
C ILE C 33 -18.63 -4.45 0.25
N ARG C 34 -18.92 -5.42 -0.61
CA ARG C 34 -18.41 -6.77 -0.35
C ARG C 34 -16.91 -6.87 -0.57
N SER C 35 -16.36 -6.12 -1.52
CA SER C 35 -14.91 -6.13 -1.70
C SER C 35 -14.20 -5.41 -0.56
N ALA C 36 -14.79 -4.34 -0.05
CA ALA C 36 -14.24 -3.70 1.15
C ALA C 36 -14.30 -4.63 2.35
N LEU C 37 -15.42 -5.32 2.54
CA LEU C 37 -15.51 -6.31 3.61
C LEU C 37 -14.53 -7.45 3.40
N ARG C 38 -14.22 -7.77 2.14
CA ARG C 38 -13.23 -8.81 1.87
C ARG C 38 -11.83 -8.35 2.25
N LEU C 39 -11.50 -7.08 1.95
CA LEU C 39 -10.25 -6.53 2.44
C LEU C 39 -10.19 -6.56 3.96
N LEU C 40 -11.29 -6.22 4.61
CA LEU C 40 -11.33 -6.23 6.07
C LEU C 40 -11.15 -7.64 6.62
N GLU C 41 -11.81 -8.62 5.99
CA GLU C 41 -11.68 -10.01 6.43
C GLU C 41 -10.28 -10.55 6.18
N ASN C 42 -9.63 -10.12 5.09
CA ASN C 42 -8.25 -10.53 4.85
C ASN C 42 -7.31 -9.92 5.88
N GLN C 43 -7.57 -8.67 6.28
CA GLN C 43 -6.77 -8.07 7.34
C GLN C 43 -6.99 -8.78 8.68
N GLU C 44 -8.24 -9.16 8.96
CA GLU C 44 -8.53 -9.90 10.18
C GLU C 44 -7.89 -11.28 10.16
N THR C 45 -7.80 -11.91 8.98
CA THR C 45 -7.18 -13.23 8.87
C THR C 45 -5.68 -13.14 9.05
N LYS C 46 -5.05 -12.05 8.59
CA LYS C 46 -3.64 -11.83 8.88
C LYS C 46 -3.40 -11.73 10.37
N LEU C 47 -4.39 -11.23 11.13
CA LEU C 47 -4.30 -11.21 12.58
C LEU C 47 -4.55 -12.59 13.17
N GLN C 48 -5.34 -13.43 12.50
CA GLN C 48 -5.67 -14.74 13.06
C GLN C 48 -4.49 -15.70 13.01
N SER C 49 -3.59 -15.53 12.03
CA SER C 49 -2.33 -16.27 12.07
C SER C 49 -1.49 -15.85 13.27
N LEU C 50 -1.72 -14.66 13.80
CA LEU C 50 -1.05 -14.15 14.98
C LEU C 50 -2.05 -14.08 16.13
N ARG C 51 -2.71 -15.20 16.40
CA ARG C 51 -3.76 -15.25 17.41
C ARG C 51 -3.22 -14.96 18.81
N THR D 5 -19.03 5.77 33.11
CA THR D 5 -18.01 5.68 32.06
C THR D 5 -17.75 7.04 31.43
N SER D 6 -16.55 7.57 31.65
CA SER D 6 -16.16 8.86 31.10
C SER D 6 -14.65 8.99 31.20
N ILE D 7 -14.06 9.73 30.26
CA ILE D 7 -12.63 9.94 30.21
C ILE D 7 -12.36 11.43 30.00
N THR D 8 -11.18 11.87 30.45
CA THR D 8 -10.77 13.26 30.33
C THR D 8 -9.63 13.30 29.31
N LEU D 9 -9.99 13.38 28.04
CA LEU D 9 -9.00 13.46 26.97
C LEU D 9 -8.51 14.90 26.80
N GLY D 10 -7.36 15.03 26.14
CA GLY D 10 -6.79 16.34 25.93
C GLY D 10 -7.59 17.15 24.93
N GLU D 11 -7.34 18.47 24.95
CA GLU D 11 -7.99 19.36 24.00
C GLU D 11 -7.56 19.05 22.57
N HIS D 12 -6.28 18.74 22.38
CA HIS D 12 -5.80 18.34 21.06
C HIS D 12 -6.49 17.05 20.60
N PHE D 13 -6.67 16.09 21.51
CA PHE D 13 -7.31 14.84 21.12
C PHE D 13 -8.80 15.04 20.87
N ASP D 14 -9.46 15.91 21.62
CA ASP D 14 -10.86 16.22 21.33
C ASP D 14 -11.01 16.89 19.97
N GLY D 15 -10.09 17.83 19.66
CA GLY D 15 -10.11 18.42 18.33
C GLY D 15 -9.85 17.40 17.24
N PHE D 16 -8.95 16.44 17.49
CA PHE D 16 -8.69 15.38 16.54
C PHE D 16 -9.92 14.52 16.29
N ILE D 17 -10.64 14.17 17.37
CA ILE D 17 -11.83 13.35 17.22
C ILE D 17 -12.93 14.12 16.49
N THR D 18 -13.06 15.42 16.78
CA THR D 18 -14.05 16.22 16.08
C THR D 18 -13.70 16.35 14.59
N SER D 19 -12.40 16.42 14.28
CA SER D 19 -12.00 16.46 12.87
C SER D 19 -12.23 15.11 12.20
N GLN D 20 -12.09 14.01 12.95
CA GLN D 20 -12.32 12.69 12.37
C GLN D 20 -13.81 12.44 12.13
N ILE D 21 -14.68 12.97 13.00
CA ILE D 21 -16.11 12.83 12.75
C ILE D 21 -16.63 13.87 11.76
N GLN D 22 -15.91 14.97 11.56
CA GLN D 22 -16.26 15.91 10.50
C GLN D 22 -15.66 15.52 9.16
N SER D 23 -14.68 14.62 9.15
CA SER D 23 -14.09 14.15 7.90
C SER D 23 -15.05 13.26 7.12
N GLY D 24 -16.11 12.77 7.76
CA GLY D 24 -17.05 11.87 7.11
C GLY D 24 -16.65 10.41 7.13
N ARG D 25 -15.43 10.09 7.52
CA ARG D 25 -14.94 8.72 7.54
C ARG D 25 -15.24 8.01 8.87
N TYR D 26 -15.82 8.70 9.84
CA TYR D 26 -16.22 8.12 11.11
C TYR D 26 -17.60 8.65 11.47
N GLY D 27 -18.40 7.81 12.12
CA GLY D 27 -19.79 8.11 12.36
C GLY D 27 -20.05 8.83 13.67
N SER D 28 -19.66 8.22 14.77
CA SER D 28 -19.83 8.81 16.08
C SER D 28 -18.47 9.01 16.73
N ALA D 29 -18.48 9.77 17.83
CA ALA D 29 -17.23 10.02 18.56
C ALA D 29 -16.68 8.73 19.15
N SER D 30 -17.55 7.79 19.51
CA SER D 30 -17.07 6.53 20.04
C SER D 30 -16.46 5.64 18.96
N GLU D 31 -16.88 5.81 17.70
CA GLU D 31 -16.31 5.02 16.61
C GLU D 31 -14.82 5.25 16.47
N VAL D 32 -14.39 6.51 16.58
CA VAL D 32 -12.98 6.86 16.49
C VAL D 32 -12.18 6.15 17.58
N ILE D 33 -12.67 6.20 18.82
CA ILE D 33 -11.97 5.57 19.93
C ILE D 33 -11.99 4.05 19.78
N ARG D 34 -13.04 3.50 19.18
CA ARG D 34 -13.08 2.06 18.94
C ARG D 34 -12.04 1.65 17.92
N SER D 35 -11.87 2.44 16.85
CA SER D 35 -10.83 2.14 15.87
C SER D 35 -9.45 2.26 16.49
N ALA D 36 -9.23 3.30 17.30
CA ALA D 36 -7.95 3.48 17.96
C ALA D 36 -7.64 2.31 18.90
N LEU D 37 -8.63 1.88 19.68
CA LEU D 37 -8.43 0.75 20.57
C LEU D 37 -8.24 -0.55 19.79
N ARG D 38 -8.86 -0.67 18.62
CA ARG D 38 -8.58 -1.81 17.76
C ARG D 38 -7.10 -1.84 17.39
N LEU D 39 -6.57 -0.70 16.95
CA LEU D 39 -5.15 -0.62 16.62
C LEU D 39 -4.30 -0.97 17.84
N LEU D 40 -4.65 -0.44 19.01
CA LEU D 40 -3.86 -0.67 20.21
C LEU D 40 -3.89 -2.14 20.62
N GLU D 41 -5.05 -2.79 20.48
CA GLU D 41 -5.15 -4.20 20.82
C GLU D 41 -4.39 -5.06 19.83
N ASN D 42 -4.44 -4.70 18.55
CA ASN D 42 -3.63 -5.42 17.56
C ASN D 42 -2.16 -5.29 17.89
N GLN D 43 -1.75 -4.13 18.42
CA GLN D 43 -0.34 -3.95 18.79
C GLN D 43 0.02 -4.80 20.00
N GLU D 44 -0.80 -4.74 21.05
CA GLU D 44 -0.44 -5.40 22.31
C GLU D 44 -0.53 -6.93 22.17
N THR D 45 -1.57 -7.42 21.51
CA THR D 45 -1.68 -8.87 21.28
C THR D 45 -0.54 -9.44 20.46
N LYS D 46 -0.03 -8.66 19.51
CA LYS D 46 1.12 -9.07 18.73
C LYS D 46 2.35 -9.30 19.60
N LEU D 47 2.41 -8.65 20.75
CA LEU D 47 3.53 -8.80 21.68
C LEU D 47 3.28 -10.04 22.55
N GLN D 48 3.17 -11.19 21.88
CA GLN D 48 3.13 -12.47 22.57
C GLN D 48 4.47 -13.19 22.48
N SER D 49 5.53 -12.46 22.16
CA SER D 49 6.88 -12.93 22.37
C SER D 49 7.29 -12.84 23.84
N LEU D 50 6.47 -12.15 24.63
CA LEU D 50 6.74 -11.98 26.09
C LEU D 50 6.74 -13.37 26.76
N ARG D 51 5.97 -14.31 26.20
CA ARG D 51 5.88 -15.68 26.76
C ARG D 51 6.93 -16.58 26.05
N GLN D 52 8.21 -16.25 26.21
CA GLN D 52 9.30 -17.04 25.58
C GLN D 52 10.13 -17.71 26.68
N LEU D 53 9.89 -17.34 27.94
CA LEU D 53 10.61 -17.92 29.11
C LEU D 53 12.13 -17.87 28.85
#